data_4ISW
#
_entry.id   4ISW
#
_cell.length_a   133.436
_cell.length_b   133.436
_cell.length_c   153.969
_cell.angle_alpha   90.000
_cell.angle_beta   90.000
_cell.angle_gamma   120.000
#
_symmetry.space_group_name_H-M   'P 32 2 1'
#
loop_
_entity.id
_entity.type
_entity.pdbx_description
1 polymer 'Thymidylate synthase'
2 non-polymer "2'-DEOXYURIDINE 5'-MONOPHOSPHATE"
3 water water
#
_entity_poly.entity_id   1
_entity_poly.type   'polypeptide(L)'
_entity_poly.pdbx_seq_one_letter_code
;MEVMNKENIIADAPSDVVKTVQQQVHLNQDEYKYLKQVEQILREGTRRDDRTGTGTISIFGMQSKYCLRNGTIPLLTTKR
VYWKGVLEELLWFISGSTDGKLLMEKNVKIWEKNGDRAFLDNLGFT(SEP)REEGDLGPVYGFQWRHFGAKYVDCHTDYS
GQGVDQLAEVIRQIKEQPDSRRIIMSAWNPSDLGQMVLPPCHTMCQFYVDNGELSCQLYQRSGDMGLGVPFNLASYGLLT
HMIAKVCGLKPGTLVHTLGDAHVYSNHVDALKIQLDREPYAFPKIRFTRDVASIDDFTSDMIALDDYKCHPKIPMDMAV
;
_entity_poly.pdbx_strand_id   A,B
#
loop_
_chem_comp.id
_chem_comp.type
_chem_comp.name
_chem_comp.formula
UMP non-polymer '2'-DEOXYURIDINE 5'-MONOPHOSPHATE' 'C9 H13 N2 O8 P'
#
# COMPACT_ATOMS: atom_id res chain seq x y z
N GLN A 23 -16.92 -11.14 -21.78
CA GLN A 23 -16.17 -12.28 -22.39
C GLN A 23 -17.00 -13.58 -22.33
N GLN A 24 -17.10 -14.16 -21.14
CA GLN A 24 -17.87 -15.39 -20.91
C GLN A 24 -18.23 -15.51 -19.43
N VAL A 25 -19.35 -16.19 -19.17
CA VAL A 25 -19.89 -16.37 -17.84
C VAL A 25 -19.12 -17.44 -17.05
N HIS A 26 -19.00 -17.25 -15.74
CA HIS A 26 -18.31 -18.20 -14.87
C HIS A 26 -18.97 -18.33 -13.53
N LEU A 27 -19.07 -19.56 -13.03
CA LEU A 27 -19.60 -19.83 -11.69
C LEU A 27 -18.83 -19.03 -10.65
N ASN A 28 -17.49 -19.10 -10.73
CA ASN A 28 -16.60 -18.32 -9.87
C ASN A 28 -15.86 -17.27 -10.68
N GLN A 29 -16.53 -16.13 -10.90
CA GLN A 29 -15.97 -15.02 -11.65
C GLN A 29 -14.67 -14.50 -11.02
N ASP A 30 -14.62 -14.56 -9.69
CA ASP A 30 -13.48 -14.06 -8.92
C ASP A 30 -12.17 -14.82 -9.15
N GLU A 31 -12.22 -16.15 -9.06
CA GLU A 31 -11.03 -16.97 -9.31
C GLU A 31 -10.63 -16.95 -10.78
N TYR A 32 -11.62 -16.90 -11.68
CA TYR A 32 -11.33 -16.79 -13.10
C TYR A 32 -10.43 -15.59 -13.37
N LYS A 33 -10.78 -14.44 -12.79
CA LYS A 33 -10.00 -13.22 -12.92
C LYS A 33 -8.56 -13.37 -12.43
N TYR A 34 -8.37 -14.21 -11.41
CA TYR A 34 -7.03 -14.53 -10.92
C TYR A 34 -6.24 -15.32 -11.97
N LEU A 35 -6.88 -16.32 -12.56
CA LEU A 35 -6.27 -17.11 -13.63
C LEU A 35 -5.87 -16.19 -14.78
N LYS A 36 -6.72 -15.19 -15.04
CA LYS A 36 -6.47 -14.17 -16.04
C LYS A 36 -5.26 -13.30 -15.70
N GLN A 37 -5.02 -13.10 -14.41
CA GLN A 37 -3.84 -12.36 -13.94
C GLN A 37 -2.57 -13.14 -14.24
N VAL A 38 -2.56 -14.41 -13.83
CA VAL A 38 -1.45 -15.32 -14.07
C VAL A 38 -1.15 -15.39 -15.57
N GLU A 39 -2.21 -15.54 -16.37
CA GLU A 39 -2.11 -15.58 -17.81
C GLU A 39 -1.56 -14.27 -18.39
N GLN A 40 -1.94 -13.15 -17.78
CA GLN A 40 -1.45 -11.84 -18.21
C GLN A 40 0.04 -11.71 -17.92
N ILE A 41 0.44 -12.17 -16.72
CA ILE A 41 1.85 -12.13 -16.32
C ILE A 41 2.72 -12.92 -17.30
N LEU A 42 2.25 -14.09 -17.70
CA LEU A 42 2.93 -14.92 -18.69
C LEU A 42 3.11 -14.23 -20.06
N ARG A 43 2.07 -13.54 -20.52
CA ARG A 43 2.07 -12.96 -21.86
C ARG A 43 2.77 -11.60 -21.97
N GLU A 44 2.65 -10.79 -20.92
CA GLU A 44 3.13 -9.40 -20.95
C GLU A 44 4.32 -9.15 -20.03
N GLY A 45 4.45 -9.98 -19.01
CA GLY A 45 5.47 -9.80 -17.97
C GLY A 45 6.90 -9.81 -18.46
N THR A 46 7.76 -9.10 -17.73
CA THR A 46 9.17 -8.99 -18.05
C THR A 46 9.97 -10.12 -17.38
N ARG A 47 10.94 -10.66 -18.10
CA ARG A 47 11.82 -11.70 -17.57
C ARG A 47 12.93 -11.08 -16.72
N ARG A 48 12.91 -11.38 -15.42
CA ARG A 48 13.92 -10.85 -14.49
C ARG A 48 14.44 -11.92 -13.54
N ASP A 49 15.51 -11.59 -12.82
CA ASP A 49 16.13 -12.51 -11.86
C ASP A 49 15.63 -12.35 -10.43
N ASP A 50 15.68 -13.45 -9.69
CA ASP A 50 15.24 -13.51 -8.31
C ASP A 50 16.35 -13.07 -7.35
N ARG A 51 16.04 -13.06 -6.06
CA ARG A 51 16.99 -12.79 -4.99
C ARG A 51 18.07 -13.87 -4.89
N THR A 52 17.76 -15.08 -5.37
CA THR A 52 18.72 -16.19 -5.37
C THR A 52 18.99 -16.70 -6.81
N GLY A 53 19.05 -15.77 -7.75
CA GLY A 53 19.40 -16.07 -9.15
C GLY A 53 18.47 -17.03 -9.88
N THR A 54 17.21 -17.10 -9.44
CA THR A 54 16.19 -17.93 -10.08
C THR A 54 15.43 -17.09 -11.12
N GLY A 55 14.68 -17.76 -11.99
CA GLY A 55 13.91 -17.06 -13.02
C GLY A 55 12.49 -16.73 -12.61
N THR A 56 12.13 -15.45 -12.75
CA THR A 56 10.75 -14.99 -12.57
C THR A 56 10.26 -14.23 -13.79
N ILE A 57 8.96 -14.33 -14.07
CA ILE A 57 8.29 -13.45 -15.03
C ILE A 57 7.39 -12.54 -14.22
N SER A 58 7.53 -11.22 -14.41
CA SER A 58 6.98 -10.26 -13.47
C SER A 58 6.23 -9.09 -14.13
N ILE A 59 5.13 -8.67 -13.50
CA ILE A 59 4.48 -7.40 -13.81
C ILE A 59 4.41 -6.57 -12.54
N PHE A 60 4.87 -5.32 -12.62
CA PHE A 60 4.85 -4.42 -11.47
C PHE A 60 3.53 -3.64 -11.40
N GLY A 61 2.80 -3.85 -10.31
CA GLY A 61 1.53 -3.16 -10.10
C GLY A 61 0.39 -3.95 -10.69
N MET A 62 -0.38 -4.61 -9.83
CA MET A 62 -1.56 -5.38 -10.21
C MET A 62 -2.58 -5.32 -9.08
N GLN A 63 -3.87 -5.32 -9.45
CA GLN A 63 -4.94 -5.25 -8.47
C GLN A 63 -6.10 -6.15 -8.83
N SER A 64 -6.69 -6.79 -7.82
CA SER A 64 -7.80 -7.72 -8.01
C SER A 64 -8.76 -7.66 -6.81
N LYS A 65 -10.03 -7.93 -7.06
CA LYS A 65 -11.04 -7.92 -5.99
C LYS A 65 -11.71 -9.28 -5.82
N TYR A 66 -12.09 -9.58 -4.57
CA TYR A 66 -12.70 -10.85 -4.22
C TYR A 66 -13.88 -10.62 -3.29
N CYS A 67 -15.05 -11.10 -3.71
CA CYS A 67 -16.26 -10.94 -2.93
C CYS A 67 -16.24 -11.82 -1.67
N LEU A 68 -16.51 -11.23 -0.52
CA LEU A 68 -16.59 -11.97 0.74
C LEU A 68 -18.01 -12.10 1.27
N ARG A 69 -18.97 -11.57 0.51
CA ARG A 69 -20.36 -11.49 0.97
C ARG A 69 -20.96 -12.89 1.16
N ASN A 70 -21.79 -13.01 2.20
CA ASN A 70 -22.40 -14.28 2.61
C ASN A 70 -21.41 -15.38 2.97
N GLY A 71 -20.33 -15.00 3.64
CA GLY A 71 -19.38 -15.96 4.19
C GLY A 71 -18.30 -16.49 3.26
N THR A 72 -18.34 -16.05 2.00
CA THR A 72 -17.40 -16.52 0.98
C THR A 72 -15.95 -16.17 1.31
N ILE A 73 -15.08 -17.18 1.29
CA ILE A 73 -13.64 -16.98 1.49
C ILE A 73 -12.88 -17.38 0.22
N PRO A 74 -11.96 -16.52 -0.27
CA PRO A 74 -11.24 -16.77 -1.53
C PRO A 74 -10.12 -17.82 -1.41
N LEU A 75 -10.47 -19.05 -1.08
CA LEU A 75 -9.51 -20.16 -1.16
C LEU A 75 -9.59 -20.77 -2.55
N LEU A 76 -8.55 -20.57 -3.35
CA LEU A 76 -8.55 -21.00 -4.75
C LEU A 76 -8.83 -22.49 -4.93
N THR A 77 -9.57 -22.82 -5.97
CA THR A 77 -10.04 -24.18 -6.20
C THR A 77 -9.24 -24.92 -7.29
N THR A 78 -8.60 -24.17 -8.18
CA THR A 78 -7.81 -24.77 -9.26
C THR A 78 -6.45 -25.29 -8.79
N LYS A 79 -6.07 -24.91 -7.56
CA LYS A 79 -4.87 -25.42 -6.90
C LYS A 79 -5.02 -25.26 -5.38
N ARG A 80 -5.17 -26.39 -4.68
CA ARG A 80 -5.46 -26.42 -3.23
C ARG A 80 -4.51 -25.55 -2.39
N VAL A 81 -5.11 -24.71 -1.55
CA VAL A 81 -4.35 -23.82 -0.66
C VAL A 81 -4.22 -24.49 0.71
N TYR A 82 -3.01 -24.47 1.26
CA TYR A 82 -2.72 -25.02 2.59
C TYR A 82 -3.49 -24.27 3.67
N TRP A 83 -4.76 -24.68 3.85
CA TRP A 83 -5.71 -23.99 4.72
C TRP A 83 -5.33 -23.93 6.18
N LYS A 84 -4.88 -25.07 6.72
CA LYS A 84 -4.48 -25.15 8.13
C LYS A 84 -3.34 -24.17 8.43
N GLY A 85 -2.40 -24.04 7.49
CA GLY A 85 -1.33 -23.06 7.57
C GLY A 85 -1.87 -21.65 7.71
N VAL A 86 -2.76 -21.27 6.80
CA VAL A 86 -3.46 -19.99 6.85
C VAL A 86 -4.11 -19.76 8.22
N LEU A 87 -4.92 -20.73 8.64
CA LEU A 87 -5.67 -20.67 9.88
C LEU A 87 -4.78 -20.48 11.11
N GLU A 88 -3.74 -21.31 11.23
CA GLU A 88 -2.87 -21.31 12.40
C GLU A 88 -1.91 -20.12 12.43
N GLU A 89 -1.45 -19.69 11.25
CA GLU A 89 -0.54 -18.55 11.15
C GLU A 89 -1.23 -17.23 11.52
N LEU A 90 -2.48 -17.06 11.06
CA LEU A 90 -3.22 -15.83 11.32
C LEU A 90 -3.55 -15.68 12.80
N LEU A 91 -4.06 -16.73 13.41
CA LEU A 91 -4.31 -16.77 14.85
C LEU A 91 -3.03 -16.45 15.63
N TRP A 92 -1.91 -16.93 15.10
CA TRP A 92 -0.58 -16.70 15.64
C TRP A 92 -0.13 -15.26 15.48
N PHE A 93 -0.48 -14.65 14.35
CA PHE A 93 -0.23 -13.21 14.15
C PHE A 93 -0.97 -12.40 15.21
N ILE A 94 -2.29 -12.62 15.26
CA ILE A 94 -3.21 -11.89 16.14
C ILE A 94 -2.74 -11.88 17.60
N SER A 95 -2.29 -13.05 18.08
CA SER A 95 -1.84 -13.19 19.47
C SER A 95 -0.63 -12.31 19.78
N GLY A 96 -0.01 -11.78 18.73
CA GLY A 96 1.16 -10.92 18.87
C GLY A 96 2.44 -11.73 18.86
N SER A 97 2.29 -13.05 18.88
CA SER A 97 3.42 -13.96 18.97
C SER A 97 4.37 -13.86 17.80
N THR A 98 5.63 -14.18 18.08
CA THR A 98 6.71 -14.06 17.12
C THR A 98 7.67 -15.27 17.24
N ASP A 99 7.26 -16.23 18.07
CA ASP A 99 8.00 -17.47 18.25
C ASP A 99 7.52 -18.54 17.27
N GLY A 100 8.46 -19.07 16.48
CA GLY A 100 8.16 -20.05 15.45
C GLY A 100 7.82 -21.44 15.98
N LYS A 101 8.36 -21.78 17.14
CA LYS A 101 8.08 -23.07 17.77
C LYS A 101 6.59 -23.28 18.05
N LEU A 102 5.87 -22.19 18.27
CA LEU A 102 4.44 -22.24 18.55
C LEU A 102 3.64 -22.73 17.34
N LEU A 103 4.10 -22.38 16.13
CA LEU A 103 3.53 -22.88 14.89
C LEU A 103 3.98 -24.31 14.60
N MET A 104 5.20 -24.63 15.02
CA MET A 104 5.74 -25.98 14.89
C MET A 104 4.98 -27.00 15.75
N GLU A 105 4.50 -26.54 16.90
CA GLU A 105 3.70 -27.37 17.81
C GLU A 105 2.36 -27.77 17.21
N LYS A 106 1.83 -26.92 16.33
CA LYS A 106 0.60 -27.20 15.62
C LYS A 106 0.87 -27.88 14.27
N ASN A 107 2.10 -28.37 14.10
CA ASN A 107 2.54 -29.06 12.88
C ASN A 107 2.52 -28.21 11.61
N VAL A 108 2.56 -26.89 11.78
CA VAL A 108 2.66 -25.95 10.67
C VAL A 108 4.11 -25.52 10.52
N LYS A 109 4.75 -25.93 9.43
CA LYS A 109 6.19 -25.77 9.24
C LYS A 109 6.55 -24.76 8.18
N ILE A 110 5.73 -23.72 8.03
CA ILE A 110 5.95 -22.69 7.01
C ILE A 110 7.07 -21.71 7.37
N TRP A 111 7.32 -21.56 8.67
CA TRP A 111 8.37 -20.67 9.16
C TRP A 111 9.60 -21.40 9.63
N GLU A 112 9.56 -22.73 9.53
CA GLU A 112 10.62 -23.61 10.05
C GLU A 112 12.01 -23.21 9.56
N LYS A 113 12.15 -23.07 8.24
CA LYS A 113 13.43 -22.79 7.61
C LYS A 113 13.98 -21.41 7.98
N ASN A 114 13.09 -20.47 8.30
CA ASN A 114 13.49 -19.11 8.64
C ASN A 114 13.86 -18.95 10.12
N GLY A 115 13.13 -19.64 11.00
CA GLY A 115 13.49 -19.71 12.42
C GLY A 115 14.37 -20.91 12.68
N ASP A 116 15.61 -20.83 12.20
CA ASP A 116 16.53 -21.96 12.22
C ASP A 116 17.94 -21.45 12.52
N ARG A 117 18.67 -22.20 13.35
CA ARG A 117 20.00 -21.77 13.82
C ARG A 117 20.88 -21.24 12.69
N ALA A 118 21.08 -22.05 11.64
CA ALA A 118 21.96 -21.69 10.53
C ALA A 118 21.50 -20.44 9.79
N PHE A 119 20.19 -20.33 9.59
CA PHE A 119 19.57 -19.17 8.93
C PHE A 119 19.73 -17.89 9.74
N LEU A 120 19.55 -18.01 11.05
CA LEU A 120 19.71 -16.89 11.97
C LEU A 120 21.18 -16.44 12.09
N ASP A 121 22.09 -17.41 12.17
CA ASP A 121 23.53 -17.14 12.22
C ASP A 121 24.02 -16.48 10.93
N ASN A 122 23.38 -16.85 9.82
CA ASN A 122 23.67 -16.28 8.51
C ASN A 122 23.31 -14.79 8.45
N LEU A 123 22.29 -14.40 9.20
CA LEU A 123 21.89 -13.00 9.29
C LEU A 123 22.62 -12.28 10.42
N GLY A 124 23.47 -13.02 11.12
CA GLY A 124 24.25 -12.48 12.23
C GLY A 124 23.50 -12.43 13.55
N PHE A 125 22.41 -13.20 13.65
CA PHE A 125 21.64 -13.30 14.88
C PHE A 125 22.18 -14.44 15.74
N THR A 126 23.47 -14.37 16.06
CA THR A 126 24.17 -15.41 16.79
C THR A 126 23.67 -15.51 18.24
N SEP A 127 23.21 -14.38 18.75
CA SEP A 127 22.64 -14.24 20.09
CB SEP A 127 22.30 -12.76 20.27
OG SEP A 127 22.32 -12.06 19.01
C SEP A 127 21.36 -15.01 20.25
O SEP A 127 21.04 -15.49 21.33
P SEP A 127 21.06 -11.30 18.33
O1P SEP A 127 20.42 -10.51 19.44
O2P SEP A 127 21.66 -10.45 17.24
O3P SEP A 127 20.18 -12.41 17.78
N ARG A 128 20.63 -15.17 19.14
CA ARG A 128 19.22 -15.54 19.12
C ARG A 128 18.88 -16.96 19.58
N GLU A 129 17.63 -17.14 20.00
CA GLU A 129 17.03 -18.46 20.21
C GLU A 129 16.68 -19.04 18.85
N GLU A 130 16.31 -20.32 18.81
CA GLU A 130 16.03 -20.98 17.52
C GLU A 130 14.71 -20.55 16.87
N GLY A 131 13.63 -20.46 17.64
CA GLY A 131 12.33 -20.09 17.08
C GLY A 131 12.07 -18.59 16.94
N ASP A 132 13.03 -17.78 17.39
CA ASP A 132 12.87 -16.33 17.47
C ASP A 132 13.03 -15.70 16.08
N LEU A 133 11.93 -15.22 15.53
CA LEU A 133 11.89 -14.65 14.18
C LEU A 133 12.12 -13.13 14.13
N GLY A 134 12.13 -12.51 15.31
CA GLY A 134 12.33 -11.07 15.42
C GLY A 134 11.05 -10.28 15.49
N PRO A 135 11.12 -8.95 15.28
CA PRO A 135 9.92 -8.12 15.32
C PRO A 135 9.08 -8.22 14.04
N VAL A 136 8.71 -9.46 13.66
CA VAL A 136 7.91 -9.69 12.46
C VAL A 136 6.43 -9.35 12.67
N TYR A 137 5.60 -9.61 11.66
CA TYR A 137 4.18 -9.20 11.60
C TYR A 137 3.48 -9.00 12.95
N GLY A 138 3.32 -10.09 13.70
CA GLY A 138 2.54 -10.11 14.94
C GLY A 138 2.95 -9.07 15.97
N PHE A 139 4.26 -8.81 16.05
CA PHE A 139 4.80 -7.79 16.93
C PHE A 139 4.35 -6.39 16.49
N GLN A 140 4.39 -6.12 15.19
CA GLN A 140 4.03 -4.80 14.65
C GLN A 140 2.53 -4.53 14.73
N TRP A 141 1.73 -5.59 14.62
CA TRP A 141 0.27 -5.48 14.66
C TRP A 141 -0.23 -5.07 16.02
N ARG A 142 0.40 -5.58 17.06
CA ARG A 142 -0.08 -5.38 18.43
C ARG A 142 0.82 -4.46 19.27
N HIS A 143 2.07 -4.28 18.86
CA HIS A 143 3.03 -3.50 19.64
C HIS A 143 3.97 -2.73 18.75
N PHE A 144 3.42 -1.89 17.87
CA PHE A 144 4.25 -1.10 16.97
C PHE A 144 5.02 -0.04 17.73
N GLY A 145 6.35 -0.09 17.64
CA GLY A 145 7.21 0.91 18.24
C GLY A 145 7.82 0.51 19.58
N ALA A 146 7.36 -0.60 20.13
CA ALA A 146 7.92 -1.16 21.35
C ALA A 146 9.36 -1.63 21.11
N LYS A 147 10.17 -1.62 22.16
CA LYS A 147 11.52 -2.14 22.08
C LYS A 147 11.46 -3.67 22.10
N TYR A 148 11.84 -4.30 20.99
CA TYR A 148 11.84 -5.75 20.88
C TYR A 148 13.02 -6.35 21.64
N VAL A 149 12.74 -7.35 22.46
CA VAL A 149 13.77 -8.06 23.21
C VAL A 149 13.94 -9.46 22.61
N ASP A 150 13.08 -10.39 23.01
CA ASP A 150 13.02 -11.71 22.38
C ASP A 150 11.56 -12.17 22.16
N CYS A 151 11.39 -13.40 21.67
CA CYS A 151 10.08 -13.91 21.32
C CYS A 151 9.31 -14.49 22.50
N HIS A 152 9.77 -14.19 23.71
CA HIS A 152 9.14 -14.72 24.93
C HIS A 152 8.68 -13.66 25.89
N THR A 153 9.13 -12.43 25.70
CA THR A 153 8.77 -11.33 26.61
C THR A 153 7.32 -10.89 26.46
N ASP A 154 6.78 -10.35 27.56
CA ASP A 154 5.42 -9.81 27.62
C ASP A 154 5.45 -8.33 27.23
N TYR A 155 4.71 -7.98 26.17
CA TYR A 155 4.74 -6.63 25.64
C TYR A 155 3.47 -5.82 25.93
N SER A 156 2.58 -6.36 26.76
CA SER A 156 1.33 -5.69 27.12
C SER A 156 1.60 -4.24 27.53
N GLY A 157 0.87 -3.31 26.90
CA GLY A 157 1.03 -1.89 27.19
C GLY A 157 2.05 -1.20 26.30
N GLN A 158 3.10 -1.91 25.93
CA GLN A 158 4.15 -1.36 25.07
C GLN A 158 3.71 -1.28 23.60
N GLY A 159 4.19 -0.25 22.91
CA GLY A 159 3.89 -0.06 21.49
C GLY A 159 2.43 0.27 21.20
N VAL A 160 2.15 0.54 19.93
CA VAL A 160 0.79 0.80 19.46
C VAL A 160 0.11 -0.51 19.09
N ASP A 161 -1.09 -0.74 19.61
CA ASP A 161 -1.90 -1.89 19.26
C ASP A 161 -2.79 -1.50 18.09
N GLN A 162 -2.26 -1.69 16.89
CA GLN A 162 -2.94 -1.29 15.65
C GLN A 162 -4.24 -2.04 15.40
N LEU A 163 -4.22 -3.37 15.58
CA LEU A 163 -5.40 -4.19 15.35
C LEU A 163 -6.55 -3.73 16.22
N ALA A 164 -6.26 -3.43 17.49
CA ALA A 164 -7.25 -2.90 18.43
C ALA A 164 -7.77 -1.54 17.98
N GLU A 165 -6.85 -0.70 17.50
CA GLU A 165 -7.18 0.64 17.01
C GLU A 165 -8.09 0.55 15.79
N VAL A 166 -7.74 -0.34 14.86
CA VAL A 166 -8.52 -0.62 13.65
C VAL A 166 -9.94 -1.02 14.04
N ILE A 167 -10.07 -1.89 15.04
CA ILE A 167 -11.37 -2.39 15.49
C ILE A 167 -12.19 -1.28 16.18
N ARG A 168 -11.50 -0.42 16.92
CA ARG A 168 -12.15 0.72 17.56
C ARG A 168 -12.64 1.69 16.50
N GLN A 169 -11.82 1.92 15.48
CA GLN A 169 -12.17 2.81 14.38
C GLN A 169 -13.39 2.30 13.62
N ILE A 170 -13.40 1.02 13.30
CA ILE A 170 -14.52 0.40 12.59
C ILE A 170 -15.81 0.53 13.40
N LYS A 171 -15.72 0.31 14.70
CA LYS A 171 -16.88 0.31 15.58
C LYS A 171 -17.51 1.67 15.81
N GLU A 172 -16.67 2.69 16.02
CA GLU A 172 -17.19 4.03 16.34
C GLU A 172 -16.98 5.11 15.27
N GLN A 173 -16.05 4.86 14.34
CA GLN A 173 -15.81 5.78 13.21
C GLN A 173 -15.87 5.03 11.87
N PRO A 174 -17.05 4.50 11.50
CA PRO A 174 -17.12 3.58 10.37
C PRO A 174 -16.92 4.23 9.01
N ASP A 175 -16.98 5.56 8.95
CA ASP A 175 -16.79 6.29 7.70
C ASP A 175 -15.35 6.78 7.55
N SER A 176 -14.47 6.32 8.44
CA SER A 176 -13.08 6.76 8.48
C SER A 176 -12.27 6.29 7.29
N ARG A 177 -11.38 7.17 6.81
CA ARG A 177 -10.50 6.83 5.71
C ARG A 177 -9.08 6.59 6.21
N ARG A 178 -8.96 6.33 7.51
CA ARG A 178 -7.67 6.19 8.18
C ARG A 178 -7.51 4.84 8.89
N ILE A 179 -8.30 3.85 8.49
CA ILE A 179 -8.26 2.54 9.13
C ILE A 179 -7.15 1.66 8.50
N ILE A 180 -5.91 1.93 8.91
CA ILE A 180 -4.73 1.21 8.38
C ILE A 180 -4.06 0.39 9.48
N MET A 181 -3.52 -0.76 9.08
CA MET A 181 -2.63 -1.55 9.94
C MET A 181 -1.41 -1.98 9.12
N SER A 182 -0.24 -1.47 9.51
CA SER A 182 0.99 -1.70 8.75
C SER A 182 2.02 -2.50 9.55
N ALA A 183 2.69 -3.43 8.88
CA ALA A 183 3.74 -4.22 9.51
C ALA A 183 5.12 -3.68 9.13
N TRP A 184 5.15 -2.70 8.24
CA TRP A 184 6.39 -2.09 7.78
C TRP A 184 6.93 -1.11 8.78
N ASN A 185 8.02 -1.50 9.44
CA ASN A 185 8.66 -0.66 10.45
C ASN A 185 10.15 -0.54 10.15
N PRO A 186 10.55 0.54 9.44
CA PRO A 186 11.94 0.75 9.02
C PRO A 186 12.96 0.60 10.16
N SER A 187 12.53 0.94 11.38
CA SER A 187 13.35 0.79 12.59
C SER A 187 13.63 -0.67 12.93
N ASP A 188 12.66 -1.54 12.66
CA ASP A 188 12.76 -2.94 13.05
C ASP A 188 13.17 -3.92 11.94
N LEU A 189 13.23 -3.43 10.70
CA LEU A 189 13.52 -4.30 9.55
C LEU A 189 14.80 -5.13 9.72
N GLY A 190 15.84 -4.49 10.23
CA GLY A 190 17.15 -5.12 10.41
C GLY A 190 17.13 -6.35 11.29
N GLN A 191 16.32 -6.31 12.34
CA GLN A 191 16.15 -7.43 13.26
C GLN A 191 15.13 -8.48 12.79
N MET A 192 14.43 -8.18 11.70
CA MET A 192 13.47 -9.14 11.12
C MET A 192 14.18 -10.22 10.33
N VAL A 193 13.71 -11.45 10.47
CA VAL A 193 14.26 -12.59 9.74
C VAL A 193 13.91 -12.51 8.25
N LEU A 194 12.83 -11.78 7.96
CA LEU A 194 12.36 -11.48 6.61
C LEU A 194 11.54 -10.20 6.69
N PRO A 195 11.77 -9.25 5.77
CA PRO A 195 10.94 -8.04 5.77
C PRO A 195 9.50 -8.38 5.37
N PRO A 196 8.50 -7.69 5.97
CA PRO A 196 7.11 -8.07 5.77
C PRO A 196 6.74 -8.15 4.30
N CYS A 197 5.97 -9.16 3.93
CA CYS A 197 5.56 -9.34 2.53
C CYS A 197 4.20 -8.69 2.31
N HIS A 198 3.24 -9.03 3.16
CA HIS A 198 2.01 -8.26 3.24
C HIS A 198 2.26 -7.05 4.10
N THR A 199 2.63 -5.97 3.42
CA THR A 199 3.15 -4.76 4.03
C THR A 199 2.12 -4.02 4.90
N MET A 200 0.94 -3.78 4.32
CA MET A 200 -0.13 -3.08 5.04
C MET A 200 -1.50 -3.40 4.47
N CYS A 201 -2.54 -3.10 5.26
CA CYS A 201 -3.92 -3.28 4.86
C CYS A 201 -4.79 -2.14 5.34
N GLN A 202 -5.83 -1.83 4.57
CA GLN A 202 -6.77 -0.78 4.93
C GLN A 202 -8.19 -1.33 4.95
N PHE A 203 -8.95 -0.95 5.98
CA PHE A 203 -10.33 -1.37 6.11
C PHE A 203 -11.32 -0.26 5.74
N TYR A 204 -12.56 -0.65 5.49
CA TYR A 204 -13.54 0.21 4.83
C TYR A 204 -14.94 -0.31 5.12
N VAL A 205 -15.78 0.55 5.70
CA VAL A 205 -17.15 0.17 6.05
C VAL A 205 -18.17 0.91 5.20
N ASP A 206 -19.00 0.15 4.49
CA ASP A 206 -20.05 0.71 3.65
C ASP A 206 -21.36 -0.05 3.84
N ASN A 207 -22.37 0.62 4.37
CA ASN A 207 -23.69 0.02 4.63
C ASN A 207 -23.60 -1.29 5.41
N GLY A 208 -22.85 -1.27 6.50
CA GLY A 208 -22.69 -2.44 7.37
C GLY A 208 -21.79 -3.53 6.81
N GLU A 209 -21.16 -3.28 5.66
CA GLU A 209 -20.28 -4.25 5.03
C GLU A 209 -18.81 -3.86 5.20
N LEU A 210 -18.00 -4.80 5.68
CA LEU A 210 -16.58 -4.54 5.90
C LEU A 210 -15.70 -5.06 4.75
N SER A 211 -14.99 -4.14 4.11
CA SER A 211 -14.06 -4.47 3.04
C SER A 211 -12.63 -4.19 3.49
N CYS A 212 -11.67 -4.84 2.85
CA CYS A 212 -10.27 -4.74 3.24
C CYS A 212 -9.37 -4.71 2.01
N GLN A 213 -8.39 -3.81 2.00
CA GLN A 213 -7.38 -3.83 0.95
C GLN A 213 -5.99 -4.13 1.50
N LEU A 214 -5.38 -5.16 0.90
CA LEU A 214 -4.04 -5.61 1.25
C LEU A 214 -3.04 -5.16 0.20
N TYR A 215 -1.88 -4.69 0.66
CA TYR A 215 -0.77 -4.40 -0.23
C TYR A 215 0.34 -5.45 -0.09
N GLN A 216 0.63 -6.17 -1.17
CA GLN A 216 1.74 -7.12 -1.23
C GLN A 216 2.86 -6.55 -2.08
N ARG A 217 4.02 -6.32 -1.48
CA ARG A 217 5.16 -5.77 -2.20
C ARG A 217 5.71 -6.74 -3.27
N SER A 218 5.67 -8.03 -2.95
CA SER A 218 5.96 -9.09 -3.92
C SER A 218 5.07 -10.28 -3.66
N GLY A 219 4.70 -10.98 -4.73
CA GLY A 219 3.83 -12.13 -4.62
C GLY A 219 4.07 -13.17 -5.69
N ASP A 220 4.33 -14.40 -5.26
CA ASP A 220 4.39 -15.54 -6.15
C ASP A 220 2.96 -16.01 -6.35
N MET A 221 2.48 -15.94 -7.59
CA MET A 221 1.11 -16.34 -7.91
C MET A 221 0.88 -17.82 -7.65
N GLY A 222 1.96 -18.60 -7.70
CA GLY A 222 1.88 -20.06 -7.48
C GLY A 222 1.70 -20.51 -6.04
N LEU A 223 2.21 -19.73 -5.09
CA LEU A 223 2.22 -20.17 -3.69
C LEU A 223 1.80 -19.08 -2.69
N GLY A 224 2.51 -17.96 -2.66
CA GLY A 224 2.31 -16.91 -1.66
C GLY A 224 0.99 -16.17 -1.75
N VAL A 225 0.67 -15.67 -2.95
CA VAL A 225 -0.55 -14.89 -3.18
C VAL A 225 -1.82 -15.62 -2.73
N PRO A 226 -2.07 -16.86 -3.25
CA PRO A 226 -3.26 -17.60 -2.83
C PRO A 226 -3.32 -17.83 -1.33
N PHE A 227 -2.15 -17.92 -0.69
CA PHE A 227 -2.05 -18.07 0.76
C PHE A 227 -2.44 -16.76 1.45
N ASN A 228 -1.96 -15.63 0.92
CA ASN A 228 -2.25 -14.30 1.48
C ASN A 228 -3.69 -13.87 1.26
N LEU A 229 -4.29 -14.32 0.16
CA LEU A 229 -5.72 -14.11 -0.09
C LEU A 229 -6.59 -14.72 1.00
N ALA A 230 -6.24 -15.93 1.40
CA ALA A 230 -7.02 -16.67 2.37
C ALA A 230 -6.91 -16.07 3.77
N SER A 231 -5.70 -15.67 4.15
CA SER A 231 -5.47 -15.13 5.49
C SER A 231 -6.15 -13.77 5.71
N TYR A 232 -6.04 -12.88 4.73
CA TYR A 232 -6.69 -11.58 4.82
C TYR A 232 -8.18 -11.65 4.55
N GLY A 233 -8.58 -12.64 3.75
CA GLY A 233 -10.00 -12.98 3.61
C GLY A 233 -10.57 -13.41 4.94
N LEU A 234 -9.89 -14.34 5.61
CA LEU A 234 -10.30 -14.82 6.92
C LEU A 234 -10.28 -13.70 7.97
N LEU A 235 -9.21 -12.91 7.95
CA LEU A 235 -9.06 -11.80 8.91
C LEU A 235 -10.26 -10.86 8.84
N THR A 236 -10.65 -10.51 7.61
CA THR A 236 -11.81 -9.65 7.38
C THR A 236 -13.09 -10.23 7.98
N HIS A 237 -13.29 -11.54 7.79
CA HIS A 237 -14.43 -12.25 8.38
C HIS A 237 -14.44 -12.17 9.89
N MET A 238 -13.27 -12.36 10.49
CA MET A 238 -13.11 -12.25 11.95
C MET A 238 -13.45 -10.85 12.45
N ILE A 239 -12.79 -9.84 11.90
CA ILE A 239 -13.01 -8.44 12.30
C ILE A 239 -14.48 -8.04 12.14
N ALA A 240 -15.09 -8.44 11.02
CA ALA A 240 -16.52 -8.20 10.79
C ALA A 240 -17.38 -8.74 11.92
N LYS A 241 -17.14 -10.00 12.32
CA LYS A 241 -17.87 -10.63 13.41
C LYS A 241 -17.68 -9.89 14.74
N VAL A 242 -16.44 -9.51 15.02
CA VAL A 242 -16.09 -8.75 16.21
C VAL A 242 -16.82 -7.40 16.25
N CYS A 243 -16.99 -6.78 15.09
CA CYS A 243 -17.62 -5.46 15.00
C CYS A 243 -19.12 -5.50 14.68
N GLY A 244 -19.69 -6.70 14.59
CA GLY A 244 -21.11 -6.87 14.31
C GLY A 244 -21.51 -6.53 12.89
N LEU A 245 -20.54 -6.51 11.98
CA LEU A 245 -20.76 -6.17 10.58
C LEU A 245 -20.69 -7.41 9.69
N LYS A 246 -21.17 -7.28 8.45
CA LYS A 246 -21.10 -8.36 7.47
C LYS A 246 -19.88 -8.19 6.57
N PRO A 247 -19.32 -9.30 6.06
CA PRO A 247 -18.16 -9.21 5.16
C PRO A 247 -18.52 -8.58 3.80
N GLY A 248 -17.60 -7.78 3.28
CA GLY A 248 -17.78 -7.12 1.99
C GLY A 248 -16.85 -7.66 0.92
N THR A 249 -15.80 -6.90 0.61
CA THR A 249 -14.89 -7.24 -0.50
C THR A 249 -13.44 -7.24 -0.04
N LEU A 250 -12.62 -8.06 -0.69
CA LEU A 250 -11.19 -8.04 -0.46
C LEU A 250 -10.47 -7.54 -1.70
N VAL A 251 -9.70 -6.47 -1.55
CA VAL A 251 -8.91 -5.92 -2.65
C VAL A 251 -7.45 -6.29 -2.42
N HIS A 252 -6.85 -6.92 -3.43
CA HIS A 252 -5.49 -7.42 -3.34
C HIS A 252 -4.60 -6.72 -4.32
N THR A 253 -3.85 -5.74 -3.82
CA THR A 253 -2.90 -4.97 -4.65
C THR A 253 -1.49 -5.53 -4.53
N LEU A 254 -0.88 -5.78 -5.68
CA LEU A 254 0.46 -6.35 -5.75
C LEU A 254 1.46 -5.35 -6.31
N GLY A 255 2.67 -5.37 -5.75
CA GLY A 255 3.80 -4.67 -6.32
C GLY A 255 4.40 -5.55 -7.41
N ASP A 256 5.39 -6.35 -7.04
CA ASP A 256 6.00 -7.31 -7.96
C ASP A 256 5.17 -8.59 -7.99
N ALA A 257 4.20 -8.63 -8.90
CA ALA A 257 3.40 -9.82 -9.13
C ALA A 257 4.16 -10.69 -10.12
N HIS A 258 4.53 -11.90 -9.69
CA HIS A 258 5.39 -12.77 -10.49
C HIS A 258 5.07 -14.24 -10.43
N VAL A 259 5.61 -14.96 -11.41
CA VAL A 259 5.50 -16.41 -11.53
C VAL A 259 6.90 -16.94 -11.82
N TYR A 260 7.32 -17.97 -11.10
CA TYR A 260 8.63 -18.61 -11.31
C TYR A 260 8.69 -19.40 -12.61
N SER A 261 9.82 -19.31 -13.31
CA SER A 261 10.03 -19.98 -14.60
C SER A 261 9.95 -21.50 -14.52
N ASN A 262 10.29 -22.05 -13.35
CA ASN A 262 10.16 -23.49 -13.09
C ASN A 262 8.71 -23.95 -13.10
N HIS A 263 7.81 -23.14 -12.54
CA HIS A 263 6.40 -23.49 -12.42
C HIS A 263 5.60 -23.19 -13.66
N VAL A 264 6.24 -22.57 -14.66
CA VAL A 264 5.54 -22.09 -15.87
C VAL A 264 4.70 -23.16 -16.59
N ASP A 265 5.10 -24.42 -16.46
CA ASP A 265 4.36 -25.52 -17.07
C ASP A 265 3.12 -25.89 -16.27
N ALA A 266 3.28 -26.00 -14.95
CA ALA A 266 2.19 -26.34 -14.03
C ALA A 266 1.05 -25.32 -14.04
N LEU A 267 1.42 -24.04 -14.19
CA LEU A 267 0.44 -22.95 -14.27
C LEU A 267 -0.47 -23.05 -15.50
N LYS A 268 0.07 -23.50 -16.62
CA LYS A 268 -0.69 -23.70 -17.86
C LYS A 268 -1.72 -24.81 -17.72
N ILE A 269 -1.43 -25.78 -16.86
CA ILE A 269 -2.37 -26.84 -16.52
C ILE A 269 -3.46 -26.30 -15.60
N GLN A 270 -3.08 -25.42 -14.68
CA GLN A 270 -4.01 -24.78 -13.75
C GLN A 270 -4.95 -23.82 -14.49
N LEU A 271 -4.42 -23.12 -15.49
CA LEU A 271 -5.17 -22.12 -16.25
C LEU A 271 -6.30 -22.71 -17.10
N ASP A 272 -6.22 -24.00 -17.38
CA ASP A 272 -7.25 -24.70 -18.15
C ASP A 272 -8.43 -25.15 -17.30
N ARG A 273 -8.21 -25.27 -16.00
CA ARG A 273 -9.25 -25.72 -15.07
C ARG A 273 -10.31 -24.64 -14.82
N GLU A 274 -11.57 -25.04 -14.86
CA GLU A 274 -12.68 -24.14 -14.52
C GLU A 274 -12.86 -24.14 -13.01
N PRO A 275 -12.78 -22.94 -12.38
CA PRO A 275 -12.85 -22.83 -10.93
C PRO A 275 -14.19 -23.28 -10.34
N TYR A 276 -14.14 -23.95 -9.19
CA TYR A 276 -15.34 -24.27 -8.43
C TYR A 276 -15.73 -23.09 -7.54
N ALA A 277 -16.88 -23.20 -6.89
CA ALA A 277 -17.31 -22.21 -5.91
C ALA A 277 -16.31 -22.11 -4.76
N PHE A 278 -16.01 -20.89 -4.34
CA PHE A 278 -15.19 -20.67 -3.14
C PHE A 278 -15.94 -21.24 -1.92
N PRO A 279 -15.19 -21.79 -0.94
CA PRO A 279 -15.82 -22.27 0.30
C PRO A 279 -16.38 -21.14 1.15
N LYS A 280 -17.18 -21.50 2.15
CA LYS A 280 -17.74 -20.55 3.09
C LYS A 280 -17.04 -20.67 4.43
N ILE A 281 -16.92 -19.55 5.13
CA ILE A 281 -16.41 -19.53 6.50
C ILE A 281 -17.59 -19.50 7.48
N ARG A 282 -17.53 -20.34 8.50
CA ARG A 282 -18.59 -20.45 9.49
C ARG A 282 -18.01 -20.48 10.89
N PHE A 283 -18.30 -19.45 11.67
CA PHE A 283 -17.86 -19.39 13.07
C PHE A 283 -18.93 -20.02 13.95
N THR A 284 -18.51 -20.92 14.85
CA THR A 284 -19.45 -21.77 15.57
C THR A 284 -19.81 -21.33 17.00
N ARG A 285 -19.30 -20.17 17.42
CA ARG A 285 -19.68 -19.55 18.69
C ARG A 285 -19.38 -18.05 18.71
N ASP A 286 -19.90 -17.36 19.72
CA ASP A 286 -19.65 -15.93 19.89
C ASP A 286 -18.22 -15.67 20.38
N VAL A 287 -17.71 -14.47 20.11
CA VAL A 287 -16.37 -14.08 20.55
C VAL A 287 -16.38 -12.75 21.29
N ALA A 288 -15.63 -12.68 22.40
CA ALA A 288 -15.55 -11.48 23.22
C ALA A 288 -14.74 -10.38 22.53
N SER A 289 -13.66 -10.78 21.87
CA SER A 289 -12.81 -9.86 21.14
C SER A 289 -12.11 -10.59 19.99
N ILE A 290 -11.18 -9.89 19.33
CA ILE A 290 -10.38 -10.47 18.26
C ILE A 290 -9.36 -11.47 18.82
N ASP A 291 -9.15 -11.42 20.13
CA ASP A 291 -8.23 -12.32 20.81
C ASP A 291 -8.92 -13.58 21.34
N ASP A 292 -10.17 -13.77 20.93
CA ASP A 292 -11.02 -14.86 21.42
C ASP A 292 -11.23 -15.96 20.36
N PHE A 293 -10.41 -15.95 19.31
CA PHE A 293 -10.56 -16.91 18.21
C PHE A 293 -9.66 -18.13 18.35
N THR A 294 -10.29 -19.30 18.48
CA THR A 294 -9.57 -20.58 18.57
C THR A 294 -9.82 -21.49 17.36
N SER A 295 -8.81 -22.28 17.01
CA SER A 295 -8.82 -23.15 15.83
C SER A 295 -10.09 -24.00 15.63
N ASP A 296 -10.60 -24.55 16.72
CA ASP A 296 -11.78 -25.44 16.70
C ASP A 296 -13.08 -24.76 16.29
N MET A 297 -13.12 -23.44 16.43
CA MET A 297 -14.34 -22.65 16.21
C MET A 297 -14.50 -22.13 14.78
N ILE A 298 -13.41 -22.12 14.02
CA ILE A 298 -13.42 -21.63 12.63
C ILE A 298 -13.66 -22.80 11.66
N ALA A 299 -14.91 -22.94 11.21
CA ALA A 299 -15.28 -24.01 10.29
C ALA A 299 -15.22 -23.56 8.83
N LEU A 300 -14.75 -24.47 7.98
CA LEU A 300 -14.64 -24.19 6.55
C LEU A 300 -15.48 -25.17 5.73
N ASP A 301 -16.63 -24.69 5.25
CA ASP A 301 -17.59 -25.53 4.54
C ASP A 301 -17.35 -25.60 3.04
N ASP A 302 -17.45 -26.81 2.51
CA ASP A 302 -17.47 -27.08 1.06
C ASP A 302 -16.27 -26.55 0.27
N TYR A 303 -15.06 -26.92 0.70
CA TYR A 303 -13.86 -26.57 -0.05
C TYR A 303 -13.50 -27.69 -1.02
N LYS A 304 -14.08 -27.60 -2.22
CA LYS A 304 -13.87 -28.56 -3.29
C LYS A 304 -12.74 -28.04 -4.19
N CYS A 305 -11.72 -28.87 -4.39
CA CYS A 305 -10.56 -28.51 -5.21
C CYS A 305 -10.39 -29.44 -6.40
N HIS A 306 -9.61 -28.98 -7.38
CA HIS A 306 -9.16 -29.82 -8.47
C HIS A 306 -8.07 -30.74 -7.98
N PRO A 307 -7.84 -31.87 -8.68
CA PRO A 307 -6.74 -32.78 -8.34
C PRO A 307 -5.36 -32.10 -8.34
N LYS A 308 -4.42 -32.65 -7.57
CA LYS A 308 -3.05 -32.13 -7.52
C LYS A 308 -2.38 -32.11 -8.89
N ILE A 309 -1.46 -31.16 -9.05
CA ILE A 309 -0.66 -31.04 -10.26
C ILE A 309 0.69 -31.73 -10.01
N PRO A 310 1.17 -32.53 -11.00
CA PRO A 310 2.53 -33.08 -10.94
C PRO A 310 3.55 -32.03 -10.52
N MET A 311 4.55 -32.45 -9.74
CA MET A 311 5.50 -31.53 -9.07
C MET A 311 5.95 -30.33 -9.90
N ASP A 312 5.87 -29.15 -9.28
CA ASP A 312 6.13 -27.88 -9.93
C ASP A 312 7.60 -27.70 -10.32
N GLN B 23 -14.59 2.26 -30.72
CA GLN B 23 -13.11 2.26 -30.96
C GLN B 23 -12.49 3.55 -30.42
N GLN B 24 -11.65 3.40 -29.39
CA GLN B 24 -11.10 4.55 -28.67
C GLN B 24 -9.58 4.70 -28.83
N VAL B 25 -9.19 5.46 -29.87
CA VAL B 25 -7.80 5.87 -30.05
C VAL B 25 -7.62 7.27 -29.47
N HIS B 26 -6.66 7.42 -28.58
CA HIS B 26 -6.46 8.68 -27.87
C HIS B 26 -5.03 9.15 -27.84
N LEU B 27 -4.85 10.46 -28.04
CA LEU B 27 -3.53 11.08 -27.99
C LEU B 27 -2.86 10.83 -26.64
N ASN B 28 -3.61 11.05 -25.57
CA ASN B 28 -3.15 10.79 -24.21
C ASN B 28 -4.00 9.70 -23.57
N GLN B 29 -3.68 8.45 -23.90
CA GLN B 29 -4.44 7.28 -23.42
C GLN B 29 -4.51 7.19 -21.88
N ASP B 30 -3.41 7.53 -21.23
CA ASP B 30 -3.30 7.48 -19.76
C ASP B 30 -4.26 8.43 -19.04
N GLU B 31 -4.40 9.65 -19.55
CA GLU B 31 -5.32 10.61 -18.93
C GLU B 31 -6.77 10.26 -19.23
N TYR B 32 -7.04 9.70 -20.40
CA TYR B 32 -8.36 9.22 -20.74
C TYR B 32 -8.81 8.13 -19.76
N LYS B 33 -7.89 7.21 -19.46
CA LYS B 33 -8.14 6.14 -18.49
C LYS B 33 -8.46 6.71 -17.10
N TYR B 34 -7.85 7.85 -16.77
CA TYR B 34 -8.15 8.54 -15.52
C TYR B 34 -9.59 9.07 -15.54
N LEU B 35 -9.98 9.67 -16.66
CA LEU B 35 -11.33 10.19 -16.81
C LEU B 35 -12.35 9.06 -16.72
N LYS B 36 -11.99 7.89 -17.22
CA LYS B 36 -12.79 6.68 -17.07
C LYS B 36 -12.93 6.24 -15.62
N GLN B 37 -11.88 6.43 -14.84
CA GLN B 37 -11.93 6.15 -13.40
C GLN B 37 -12.99 7.03 -12.72
N VAL B 38 -12.95 8.33 -13.03
CA VAL B 38 -13.92 9.28 -12.50
C VAL B 38 -15.34 8.88 -12.89
N GLU B 39 -15.52 8.52 -14.17
CA GLU B 39 -16.82 8.07 -14.67
C GLU B 39 -17.30 6.83 -13.91
N GLN B 40 -16.41 5.86 -13.71
CA GLN B 40 -16.75 4.62 -13.05
C GLN B 40 -17.15 4.81 -11.58
N ILE B 41 -16.47 5.73 -10.89
CA ILE B 41 -16.81 6.10 -9.51
C ILE B 41 -18.23 6.66 -9.45
N LEU B 42 -18.55 7.54 -10.40
CA LEU B 42 -19.85 8.19 -10.45
C LEU B 42 -20.99 7.23 -10.81
N ARG B 43 -20.69 6.21 -11.60
CA ARG B 43 -21.67 5.19 -11.99
C ARG B 43 -21.87 4.12 -10.92
N GLU B 44 -20.77 3.57 -10.41
CA GLU B 44 -20.83 2.41 -9.53
C GLU B 44 -20.55 2.70 -8.05
N GLY B 45 -20.16 3.94 -7.75
CA GLY B 45 -19.75 4.31 -6.40
C GLY B 45 -20.86 4.38 -5.37
N THR B 46 -20.52 4.02 -4.13
CA THR B 46 -21.46 4.10 -3.01
C THR B 46 -21.58 5.54 -2.48
N ARG B 47 -22.80 5.93 -2.10
CA ARG B 47 -23.08 7.28 -1.62
C ARG B 47 -22.99 7.37 -0.09
N ARG B 48 -21.77 7.34 0.43
CA ARG B 48 -21.53 7.45 1.87
C ARG B 48 -21.37 8.91 2.32
N ASP B 49 -20.97 9.10 3.57
CA ASP B 49 -20.73 10.43 4.13
C ASP B 49 -19.27 10.71 4.45
N ASP B 50 -18.94 11.99 4.61
CA ASP B 50 -17.58 12.46 4.87
C ASP B 50 -17.33 12.64 6.36
N ARG B 51 -16.05 12.78 6.72
CA ARG B 51 -15.60 13.11 8.07
C ARG B 51 -16.20 14.44 8.54
N THR B 52 -16.39 15.37 7.60
CA THR B 52 -17.02 16.66 7.89
C THR B 52 -18.55 16.62 7.72
N GLY B 53 -19.07 15.47 7.28
CA GLY B 53 -20.50 15.29 7.05
C GLY B 53 -20.94 15.73 5.67
N THR B 54 -19.98 15.80 4.76
CA THR B 54 -20.24 16.18 3.37
C THR B 54 -20.55 14.94 2.52
N GLY B 55 -21.27 15.15 1.43
CA GLY B 55 -21.60 14.07 0.53
C GLY B 55 -20.41 13.59 -0.28
N THR B 56 -20.22 12.28 -0.30
CA THR B 56 -19.14 11.66 -1.08
C THR B 56 -19.65 10.46 -1.89
N ILE B 57 -19.03 10.24 -3.05
CA ILE B 57 -19.33 9.07 -3.88
C ILE B 57 -18.05 8.29 -4.07
N SER B 58 -18.01 7.06 -3.58
CA SER B 58 -16.76 6.33 -3.41
C SER B 58 -16.71 4.93 -4.02
N ILE B 59 -15.53 4.58 -4.54
CA ILE B 59 -15.19 3.19 -4.82
C ILE B 59 -13.95 2.83 -4.00
N PHE B 60 -14.00 1.72 -3.28
CA PHE B 60 -12.87 1.27 -2.49
C PHE B 60 -11.94 0.37 -3.30
N GLY B 61 -10.68 0.79 -3.39
CA GLY B 61 -9.66 0.03 -4.09
C GLY B 61 -9.70 0.27 -5.58
N MET B 62 -8.79 1.10 -6.06
CA MET B 62 -8.64 1.35 -7.50
C MET B 62 -7.16 1.45 -7.86
N GLN B 63 -6.83 1.13 -9.11
CA GLN B 63 -5.45 1.16 -9.59
C GLN B 63 -5.36 1.58 -11.06
N SER B 64 -4.45 2.50 -11.34
CA SER B 64 -4.17 2.95 -12.71
C SER B 64 -2.68 3.22 -12.92
N LYS B 65 -2.25 3.15 -14.17
CA LYS B 65 -0.84 3.29 -14.52
C LYS B 65 -0.60 4.46 -15.47
N TYR B 66 0.52 5.15 -15.27
CA TYR B 66 0.89 6.29 -16.09
C TYR B 66 2.30 6.15 -16.63
N CYS B 67 2.46 6.40 -17.92
CA CYS B 67 3.74 6.24 -18.60
C CYS B 67 4.65 7.44 -18.40
N LEU B 68 5.87 7.18 -17.93
CA LEU B 68 6.87 8.20 -17.67
C LEU B 68 8.03 8.14 -18.66
N ARG B 69 7.92 7.22 -19.62
CA ARG B 69 9.04 6.71 -20.43
C ARG B 69 10.00 7.70 -21.08
N ASN B 70 9.51 8.86 -21.52
CA ASN B 70 10.38 9.84 -22.16
C ASN B 70 10.23 11.26 -21.64
N GLY B 71 10.43 11.41 -20.33
CA GLY B 71 10.31 12.72 -19.67
C GLY B 71 8.90 13.10 -19.28
N THR B 72 7.92 12.29 -19.72
CA THR B 72 6.51 12.55 -19.48
C THR B 72 6.14 12.55 -18.00
N ILE B 73 5.44 13.60 -17.57
CA ILE B 73 4.93 13.72 -16.21
C ILE B 73 3.39 13.80 -16.24
N PRO B 74 2.71 13.00 -15.39
CA PRO B 74 1.24 12.94 -15.40
C PRO B 74 0.54 14.15 -14.77
N LEU B 75 0.67 15.30 -15.42
CA LEU B 75 -0.07 16.50 -15.02
C LEU B 75 -1.33 16.65 -15.86
N LEU B 76 -2.48 16.46 -15.23
CA LEU B 76 -3.76 16.39 -15.96
C LEU B 76 -4.06 17.65 -16.76
N THR B 77 -4.32 17.46 -18.05
CA THR B 77 -4.56 18.55 -18.98
C THR B 77 -6.03 18.95 -19.06
N THR B 78 -6.92 18.08 -18.59
CA THR B 78 -8.36 18.35 -18.59
C THR B 78 -8.77 19.28 -17.44
N LYS B 79 -7.91 19.38 -16.42
CA LYS B 79 -8.11 20.29 -15.29
C LYS B 79 -6.76 20.66 -14.68
N ARG B 80 -6.44 21.95 -14.71
CA ARG B 80 -5.14 22.47 -14.29
C ARG B 80 -4.73 22.06 -12.87
N VAL B 81 -3.52 21.52 -12.75
CA VAL B 81 -2.94 21.12 -11.46
C VAL B 81 -1.90 22.14 -11.04
N TYR B 82 -1.90 22.48 -9.76
CA TYR B 82 -0.98 23.46 -9.19
C TYR B 82 0.45 22.92 -9.19
N TRP B 83 1.10 23.04 -10.34
CA TRP B 83 2.46 22.54 -10.56
C TRP B 83 3.48 23.09 -9.61
N LYS B 84 3.43 24.40 -9.35
CA LYS B 84 4.37 25.03 -8.44
C LYS B 84 4.18 24.55 -7.00
N GLY B 85 2.95 24.20 -6.65
CA GLY B 85 2.64 23.62 -5.35
C GLY B 85 3.23 22.23 -5.22
N VAL B 86 3.07 21.42 -6.27
CA VAL B 86 3.66 20.09 -6.37
C VAL B 86 5.17 20.17 -6.20
N LEU B 87 5.80 21.07 -6.96
CA LEU B 87 7.25 21.19 -7.06
C LEU B 87 7.91 21.59 -5.74
N GLU B 88 7.45 22.69 -5.16
CA GLU B 88 8.03 23.23 -3.92
C GLU B 88 7.78 22.32 -2.71
N GLU B 89 6.63 21.64 -2.72
CA GLU B 89 6.26 20.74 -1.62
C GLU B 89 7.15 19.49 -1.62
N LEU B 90 7.43 18.97 -2.81
CA LEU B 90 8.25 17.76 -2.93
C LEU B 90 9.69 17.99 -2.47
N LEU B 91 10.26 19.13 -2.86
CA LEU B 91 11.60 19.52 -2.41
C LEU B 91 11.59 19.76 -0.90
N TRP B 92 10.48 20.33 -0.43
CA TRP B 92 10.26 20.55 0.99
C TRP B 92 10.06 19.25 1.73
N PHE B 93 9.50 18.25 1.07
CA PHE B 93 9.39 16.90 1.61
C PHE B 93 10.77 16.27 1.71
N ILE B 94 11.48 16.23 0.58
CA ILE B 94 12.79 15.60 0.46
C ILE B 94 13.78 16.13 1.50
N SER B 95 13.73 17.44 1.73
CA SER B 95 14.61 18.10 2.71
C SER B 95 14.43 17.55 4.13
N GLY B 96 13.32 16.86 4.35
CA GLY B 96 12.98 16.34 5.67
C GLY B 96 12.33 17.41 6.53
N SER B 97 12.06 18.56 5.93
CA SER B 97 11.49 19.69 6.65
C SER B 97 10.05 19.42 7.09
N THR B 98 9.77 19.85 8.31
CA THR B 98 8.43 19.71 8.90
C THR B 98 7.87 21.09 9.24
N ASP B 99 8.57 22.14 8.81
CA ASP B 99 8.20 23.53 9.09
C ASP B 99 7.36 24.12 7.96
N GLY B 100 6.18 24.62 8.33
CA GLY B 100 5.23 25.17 7.36
C GLY B 100 5.63 26.49 6.74
N LYS B 101 6.44 27.26 7.47
CA LYS B 101 6.87 28.60 7.04
C LYS B 101 7.80 28.57 5.83
N LEU B 102 8.78 27.67 5.85
CA LEU B 102 9.73 27.50 4.75
C LEU B 102 9.04 27.30 3.39
N LEU B 103 7.90 26.63 3.42
CA LEU B 103 7.12 26.38 2.22
C LEU B 103 6.34 27.62 1.81
N MET B 104 5.90 28.40 2.80
CA MET B 104 5.12 29.61 2.55
C MET B 104 6.01 30.74 2.03
N GLU B 105 7.30 30.70 2.37
CA GLU B 105 8.29 31.61 1.80
C GLU B 105 8.36 31.47 0.28
N LYS B 106 8.22 30.24 -0.20
CA LYS B 106 8.21 29.96 -1.64
C LYS B 106 6.85 30.26 -2.29
N ASN B 107 5.95 30.86 -1.52
CA ASN B 107 4.61 31.26 -1.98
C ASN B 107 3.56 30.16 -2.04
N VAL B 108 3.93 28.95 -1.63
CA VAL B 108 3.00 27.83 -1.60
C VAL B 108 2.24 27.84 -0.27
N LYS B 109 0.92 27.99 -0.35
CA LYS B 109 0.07 28.12 0.84
C LYS B 109 -0.81 26.88 1.08
N ILE B 110 -0.36 25.71 0.60
CA ILE B 110 -1.17 24.49 0.67
C ILE B 110 -1.28 23.90 2.09
N TRP B 111 -0.29 24.19 2.93
CA TRP B 111 -0.26 23.69 4.30
C TRP B 111 -0.59 24.75 5.32
N GLU B 112 -0.94 25.94 4.83
CA GLU B 112 -1.20 27.11 5.69
C GLU B 112 -2.29 26.91 6.74
N LYS B 113 -3.44 26.41 6.30
CA LYS B 113 -4.60 26.20 7.19
C LYS B 113 -4.30 25.25 8.35
N ASN B 114 -3.61 24.15 8.02
CA ASN B 114 -3.28 23.12 9.00
C ASN B 114 -2.24 23.58 10.01
N GLY B 115 -1.27 24.35 9.52
CA GLY B 115 -0.10 24.73 10.33
C GLY B 115 -0.27 25.89 11.29
N ASP B 116 -1.15 26.83 10.97
CA ASP B 116 -1.26 28.07 11.75
C ASP B 116 -2.10 27.94 13.03
N ARG B 117 -1.95 28.93 13.92
CA ARG B 117 -2.39 28.88 15.33
C ARG B 117 -3.72 28.20 15.64
N ALA B 118 -4.77 28.58 14.92
CA ALA B 118 -6.14 28.11 15.22
C ALA B 118 -6.30 26.60 15.14
N PHE B 119 -5.77 26.00 14.07
CA PHE B 119 -5.88 24.55 13.83
C PHE B 119 -5.12 23.73 14.87
N LEU B 120 -3.96 24.22 15.27
CA LEU B 120 -3.13 23.56 16.29
C LEU B 120 -3.82 23.53 17.65
N ASP B 121 -4.36 24.68 18.06
CA ASP B 121 -5.08 24.80 19.33
C ASP B 121 -6.30 23.89 19.38
N ASN B 122 -6.88 23.62 18.21
CA ASN B 122 -8.02 22.73 18.09
C ASN B 122 -7.65 21.26 18.32
N LEU B 123 -6.42 20.90 17.93
CA LEU B 123 -5.90 19.54 18.14
C LEU B 123 -5.20 19.40 19.49
N GLY B 124 -5.06 20.50 20.21
CA GLY B 124 -4.41 20.51 21.52
C GLY B 124 -2.92 20.77 21.46
N PHE B 125 -2.46 21.38 20.37
CA PHE B 125 -1.04 21.74 20.23
C PHE B 125 -0.79 23.19 20.62
N THR B 126 -1.16 23.53 21.85
CA THR B 126 -1.04 24.89 22.39
C THR B 126 0.40 25.26 22.73
N SEP B 127 1.21 24.23 22.98
CA SEP B 127 2.64 24.39 23.26
CB SEP B 127 3.12 23.03 23.81
OG SEP B 127 3.26 22.10 22.73
C SEP B 127 3.43 24.68 22.02
O SEP B 127 4.54 25.23 22.10
P SEP B 127 2.19 20.93 22.38
O1P SEP B 127 0.87 21.43 22.91
O2P SEP B 127 2.24 20.82 20.87
O3P SEP B 127 2.72 19.71 23.09
N ARG B 128 2.86 24.35 20.86
CA ARG B 128 3.59 24.30 19.61
C ARG B 128 3.74 25.67 18.91
N GLU B 129 4.81 25.78 18.11
CA GLU B 129 5.13 26.98 17.35
C GLU B 129 4.11 27.29 16.25
N GLU B 130 4.25 28.44 15.59
CA GLU B 130 3.29 28.95 14.62
C GLU B 130 3.06 28.12 13.35
N GLY B 131 4.08 27.39 12.91
CA GLY B 131 3.98 26.61 11.67
C GLY B 131 4.46 25.18 11.78
N ASP B 132 4.67 24.73 13.01
CA ASP B 132 5.17 23.39 13.31
C ASP B 132 4.08 22.35 13.06
N LEU B 133 4.34 21.47 12.09
CA LEU B 133 3.34 20.51 11.61
C LEU B 133 3.38 19.15 12.31
N GLY B 134 4.39 18.93 13.15
CA GLY B 134 4.59 17.64 13.79
C GLY B 134 5.42 16.71 12.91
N PRO B 135 5.59 15.44 13.34
CA PRO B 135 6.39 14.45 12.60
C PRO B 135 5.76 14.02 11.27
N VAL B 136 5.39 15.01 10.46
CA VAL B 136 4.72 14.81 9.17
C VAL B 136 5.69 14.26 8.09
N TYR B 137 5.11 13.69 7.03
CA TYR B 137 5.82 13.20 5.83
C TYR B 137 7.36 13.21 5.84
N GLY B 138 7.95 14.36 5.49
CA GLY B 138 9.41 14.50 5.32
C GLY B 138 10.25 14.00 6.48
N PHE B 139 9.75 14.20 7.71
CA PHE B 139 10.40 13.69 8.91
C PHE B 139 10.49 12.18 8.87
N GLN B 140 9.36 11.53 8.60
CA GLN B 140 9.28 10.07 8.54
C GLN B 140 10.11 9.51 7.40
N TRP B 141 10.07 10.21 6.27
CA TRP B 141 10.82 9.85 5.08
C TRP B 141 12.29 9.75 5.32
N ARG B 142 12.80 10.56 6.25
CA ARG B 142 14.23 10.71 6.44
C ARG B 142 14.74 10.49 7.86
N HIS B 143 13.82 10.37 8.83
CA HIS B 143 14.18 10.08 10.21
C HIS B 143 13.09 9.26 10.87
N PHE B 144 12.82 8.09 10.31
CA PHE B 144 11.78 7.21 10.86
C PHE B 144 12.21 6.62 12.21
N GLY B 145 11.40 6.83 13.23
CA GLY B 145 11.67 6.32 14.56
C GLY B 145 12.35 7.31 15.50
N ALA B 146 12.89 8.39 14.92
CA ALA B 146 13.52 9.45 15.69
C ALA B 146 12.50 10.14 16.59
N LYS B 147 12.94 10.53 17.78
CA LYS B 147 12.08 11.26 18.70
C LYS B 147 11.93 12.70 18.24
N TYR B 148 10.70 13.07 17.92
CA TYR B 148 10.38 14.40 17.43
C TYR B 148 10.20 15.36 18.60
N VAL B 149 10.66 16.60 18.42
CA VAL B 149 10.43 17.66 19.42
C VAL B 149 9.80 18.91 18.79
N ASP B 150 10.50 19.53 17.83
CA ASP B 150 9.92 20.61 17.02
C ASP B 150 10.49 20.66 15.60
N CYS B 151 10.06 21.65 14.81
CA CYS B 151 10.46 21.74 13.41
C CYS B 151 11.73 22.56 13.16
N HIS B 152 12.50 22.78 14.23
CA HIS B 152 13.74 23.56 14.15
C HIS B 152 14.94 22.76 14.60
N THR B 153 14.71 21.77 15.46
CA THR B 153 15.77 20.89 15.95
C THR B 153 16.34 20.03 14.82
N ASP B 154 17.67 19.95 14.74
CA ASP B 154 18.35 19.16 13.72
C ASP B 154 18.27 17.67 14.07
N TYR B 155 17.76 16.88 13.12
CA TYR B 155 17.50 15.47 13.34
C TYR B 155 18.52 14.53 12.69
N SER B 156 19.35 15.07 11.79
CA SER B 156 20.31 14.26 11.03
C SER B 156 21.11 13.32 11.92
N GLY B 157 21.19 12.06 11.52
CA GLY B 157 21.80 11.01 12.33
C GLY B 157 20.78 10.17 13.06
N GLN B 158 19.70 10.80 13.50
CA GLN B 158 18.62 10.11 14.21
C GLN B 158 17.59 9.53 13.25
N GLY B 159 17.06 8.35 13.61
CA GLY B 159 16.02 7.68 12.82
C GLY B 159 16.53 7.07 11.52
N VAL B 160 15.66 6.31 10.86
CA VAL B 160 16.00 5.66 9.60
C VAL B 160 15.81 6.63 8.44
N ASP B 161 16.86 6.78 7.63
CA ASP B 161 16.77 7.61 6.43
C ASP B 161 16.36 6.75 5.24
N GLN B 162 15.05 6.57 5.11
CA GLN B 162 14.45 5.71 4.08
C GLN B 162 14.81 6.15 2.67
N LEU B 163 14.74 7.45 2.41
CA LEU B 163 15.02 7.97 1.07
C LEU B 163 16.45 7.64 0.63
N ALA B 164 17.39 7.71 1.57
CA ALA B 164 18.76 7.30 1.30
C ALA B 164 18.84 5.80 1.03
N GLU B 165 18.13 5.03 1.86
CA GLU B 165 18.08 3.57 1.73
C GLU B 165 17.46 3.14 0.40
N VAL B 166 16.38 3.82 0.01
CA VAL B 166 15.71 3.56 -1.27
C VAL B 166 16.66 3.82 -2.44
N ILE B 167 17.39 4.94 -2.38
CA ILE B 167 18.39 5.30 -3.40
C ILE B 167 19.52 4.27 -3.48
N ARG B 168 19.99 3.82 -2.32
CA ARG B 168 21.06 2.83 -2.21
C ARG B 168 20.64 1.48 -2.81
N GLN B 169 19.43 1.04 -2.47
CA GLN B 169 18.86 -0.20 -2.98
C GLN B 169 18.79 -0.21 -4.50
N ILE B 170 18.29 0.87 -5.09
CA ILE B 170 18.15 0.98 -6.54
C ILE B 170 19.50 0.81 -7.24
N LYS B 171 20.55 1.41 -6.66
CA LYS B 171 21.90 1.34 -7.22
C LYS B 171 22.54 -0.05 -7.07
N GLU B 172 22.52 -0.57 -5.85
CA GLU B 172 23.25 -1.79 -5.52
C GLU B 172 22.46 -3.09 -5.74
N GLN B 173 21.14 -3.04 -5.51
CA GLN B 173 20.27 -4.21 -5.67
C GLN B 173 19.06 -3.88 -6.55
N PRO B 174 19.27 -3.77 -7.87
CA PRO B 174 18.21 -3.32 -8.80
C PRO B 174 16.97 -4.22 -8.83
N ASP B 175 17.15 -5.51 -8.55
CA ASP B 175 16.05 -6.45 -8.59
C ASP B 175 15.42 -6.73 -7.21
N SER B 176 15.64 -5.81 -6.27
CA SER B 176 15.05 -5.91 -4.94
C SER B 176 13.55 -5.65 -4.97
N ARG B 177 12.81 -6.51 -4.27
CA ARG B 177 11.36 -6.38 -4.15
C ARG B 177 11.02 -5.84 -2.76
N ARG B 178 11.96 -5.05 -2.23
CA ARG B 178 11.88 -4.54 -0.86
C ARG B 178 12.12 -3.03 -0.80
N ILE B 179 12.23 -2.39 -1.97
CA ILE B 179 12.51 -0.95 -2.03
C ILE B 179 11.25 -0.15 -1.70
N ILE B 180 10.99 0.01 -0.41
CA ILE B 180 9.77 0.65 0.09
C ILE B 180 10.09 1.84 0.98
N MET B 181 9.37 2.93 0.74
CA MET B 181 9.42 4.10 1.61
C MET B 181 8.01 4.37 2.15
N SER B 182 7.85 4.29 3.47
CA SER B 182 6.55 4.48 4.13
C SER B 182 6.57 5.67 5.08
N ALA B 183 5.50 6.47 5.05
CA ALA B 183 5.37 7.62 5.93
C ALA B 183 4.37 7.33 7.07
N TRP B 184 3.93 6.09 7.16
CA TRP B 184 2.92 5.69 8.15
C TRP B 184 3.53 5.23 9.44
N ASN B 185 3.55 6.11 10.44
CA ASN B 185 4.15 5.81 11.74
C ASN B 185 3.15 5.89 12.90
N PRO B 186 2.53 4.76 13.27
CA PRO B 186 1.50 4.69 14.30
C PRO B 186 1.83 5.47 15.58
N SER B 187 3.10 5.49 15.98
CA SER B 187 3.54 6.16 17.19
C SER B 187 3.45 7.68 17.06
N ASP B 188 3.81 8.18 15.89
CA ASP B 188 3.87 9.63 15.62
C ASP B 188 2.57 10.22 15.07
N LEU B 189 1.55 9.39 14.91
CA LEU B 189 0.24 9.82 14.40
C LEU B 189 -0.43 10.84 15.32
N GLY B 190 -0.24 10.67 16.63
CA GLY B 190 -0.84 11.57 17.62
C GLY B 190 -0.35 12.99 17.49
N GLN B 191 0.96 13.15 17.35
CA GLN B 191 1.60 14.46 17.23
C GLN B 191 1.58 15.01 15.81
N MET B 192 0.98 14.26 14.89
CA MET B 192 0.85 14.66 13.50
C MET B 192 -0.34 15.61 13.39
N VAL B 193 -0.23 16.58 12.49
CA VAL B 193 -1.32 17.54 12.28
C VAL B 193 -2.39 16.94 11.36
N LEU B 194 -1.95 16.04 10.48
CA LEU B 194 -2.76 15.49 9.40
C LEU B 194 -2.15 14.16 9.01
N PRO B 195 -2.91 13.05 9.13
CA PRO B 195 -2.38 11.71 8.82
C PRO B 195 -1.97 11.58 7.36
N PRO B 196 -0.92 10.78 7.08
CA PRO B 196 -0.41 10.66 5.71
C PRO B 196 -1.46 10.12 4.76
N CYS B 197 -1.80 10.93 3.76
CA CYS B 197 -2.73 10.53 2.72
C CYS B 197 -2.03 9.62 1.71
N HIS B 198 -0.87 10.05 1.21
CA HIS B 198 0.01 9.14 0.50
C HIS B 198 0.85 8.36 1.48
N THR B 199 0.48 7.09 1.65
CA THR B 199 0.88 6.28 2.81
C THR B 199 2.22 5.57 2.63
N MET B 200 2.48 5.10 1.42
CA MET B 200 3.76 4.48 1.09
C MET B 200 3.97 4.35 -0.41
N CYS B 201 5.19 4.02 -0.80
CA CYS B 201 5.52 3.77 -2.20
C CYS B 201 6.63 2.72 -2.33
N GLN B 202 6.59 1.98 -3.43
CA GLN B 202 7.56 0.94 -3.70
C GLN B 202 8.21 1.21 -5.05
N PHE B 203 9.51 0.98 -5.14
CA PHE B 203 10.24 1.17 -6.40
C PHE B 203 10.64 -0.15 -7.05
N TYR B 204 10.92 -0.08 -8.35
CA TYR B 204 11.04 -1.27 -9.19
C TYR B 204 11.90 -0.96 -10.41
N VAL B 205 13.10 -1.55 -10.46
CA VAL B 205 13.99 -1.38 -11.60
C VAL B 205 13.84 -2.55 -12.58
N ASP B 206 13.57 -2.22 -13.83
CA ASP B 206 13.45 -3.20 -14.90
C ASP B 206 14.09 -2.65 -16.16
N ASN B 207 15.14 -3.35 -16.61
CA ASN B 207 15.85 -3.03 -17.85
C ASN B 207 16.32 -1.57 -17.93
N GLY B 208 16.91 -1.10 -16.83
CA GLY B 208 17.42 0.27 -16.72
C GLY B 208 16.35 1.32 -16.50
N GLU B 209 15.10 0.87 -16.29
CA GLU B 209 13.96 1.77 -16.04
C GLU B 209 13.48 1.70 -14.60
N LEU B 210 13.19 2.86 -14.00
CA LEU B 210 12.73 2.95 -12.62
C LEU B 210 11.23 3.20 -12.55
N SER B 211 10.51 2.30 -11.89
CA SER B 211 9.07 2.44 -11.70
C SER B 211 8.71 2.66 -10.24
N CYS B 212 7.53 3.23 -10.01
CA CYS B 212 7.08 3.56 -8.66
C CYS B 212 5.60 3.25 -8.51
N GLN B 213 5.24 2.56 -7.42
CA GLN B 213 3.84 2.41 -7.08
C GLN B 213 3.50 3.16 -5.81
N LEU B 214 2.52 4.05 -5.91
CA LEU B 214 2.04 4.81 -4.77
C LEU B 214 0.76 4.19 -4.21
N TYR B 215 0.71 4.01 -2.90
CA TYR B 215 -0.54 3.68 -2.22
C TYR B 215 -1.08 4.93 -1.53
N GLN B 216 -2.29 5.32 -1.90
CA GLN B 216 -2.95 6.50 -1.34
C GLN B 216 -4.26 6.06 -0.71
N ARG B 217 -4.32 6.12 0.63
CA ARG B 217 -5.46 5.59 1.39
C ARG B 217 -6.79 6.30 1.12
N SER B 218 -6.71 7.59 0.82
CA SER B 218 -7.87 8.42 0.55
C SER B 218 -7.57 9.28 -0.66
N GLY B 219 -8.56 9.51 -1.52
CA GLY B 219 -8.32 10.24 -2.76
C GLY B 219 -9.51 10.97 -3.35
N ASP B 220 -9.41 12.30 -3.36
CA ASP B 220 -10.37 13.16 -4.07
C ASP B 220 -9.91 13.26 -5.51
N MET B 221 -10.74 12.78 -6.43
CA MET B 221 -10.40 12.76 -7.86
C MET B 221 -10.38 14.16 -8.47
N GLY B 222 -11.10 15.09 -7.84
CA GLY B 222 -11.15 16.47 -8.29
C GLY B 222 -9.90 17.29 -7.99
N LEU B 223 -9.30 17.06 -6.82
CA LEU B 223 -8.16 17.88 -6.38
C LEU B 223 -6.96 17.07 -5.88
N GLY B 224 -7.16 16.26 -4.85
CA GLY B 224 -6.09 15.53 -4.19
C GLY B 224 -5.31 14.59 -5.08
N VAL B 225 -6.01 13.70 -5.79
CA VAL B 225 -5.38 12.67 -6.60
C VAL B 225 -4.44 13.21 -7.71
N PRO B 226 -4.92 14.16 -8.54
CA PRO B 226 -4.05 14.70 -9.60
C PRO B 226 -2.79 15.39 -9.08
N PHE B 227 -2.86 15.90 -7.85
CA PHE B 227 -1.74 16.54 -7.19
C PHE B 227 -0.68 15.50 -6.78
N ASN B 228 -1.15 14.34 -6.30
CA ASN B 228 -0.27 13.26 -5.88
C ASN B 228 0.35 12.50 -7.05
N LEU B 229 -0.37 12.43 -8.16
CA LEU B 229 0.18 11.91 -9.42
C LEU B 229 1.42 12.70 -9.80
N ALA B 230 1.29 14.02 -9.83
CA ALA B 230 2.35 14.93 -10.21
C ALA B 230 3.56 14.84 -9.25
N SER B 231 3.30 14.74 -7.95
CA SER B 231 4.36 14.56 -6.97
C SER B 231 5.19 13.32 -7.22
N TYR B 232 4.55 12.15 -7.15
CA TYR B 232 5.25 10.87 -7.25
C TYR B 232 5.75 10.56 -8.66
N GLY B 233 5.14 11.21 -9.65
CA GLY B 233 5.68 11.21 -11.00
C GLY B 233 7.00 11.94 -11.01
N LEU B 234 6.99 13.18 -10.49
CA LEU B 234 8.19 14.00 -10.37
C LEU B 234 9.27 13.31 -9.55
N LEU B 235 8.89 12.81 -8.37
CA LEU B 235 9.81 12.10 -7.48
C LEU B 235 10.53 10.95 -8.19
N THR B 236 9.81 10.22 -9.02
CA THR B 236 10.38 9.13 -9.81
C THR B 236 11.44 9.66 -10.77
N HIS B 237 11.08 10.67 -11.56
CA HIS B 237 12.01 11.31 -12.49
C HIS B 237 13.29 11.72 -11.83
N MET B 238 13.17 12.34 -10.66
CA MET B 238 14.32 12.81 -9.88
C MET B 238 15.25 11.65 -9.51
N ILE B 239 14.69 10.65 -8.83
CA ILE B 239 15.45 9.48 -8.40
C ILE B 239 16.04 8.73 -9.60
N ALA B 240 15.30 8.69 -10.71
CA ALA B 240 15.78 8.08 -11.94
C ALA B 240 17.11 8.70 -12.39
N LYS B 241 17.17 10.04 -12.41
CA LYS B 241 18.40 10.76 -12.75
C LYS B 241 19.52 10.49 -11.73
N VAL B 242 19.20 10.66 -10.44
CA VAL B 242 20.16 10.41 -9.35
C VAL B 242 20.80 9.02 -9.46
N CYS B 243 20.01 8.04 -9.91
CA CYS B 243 20.47 6.67 -10.05
C CYS B 243 20.90 6.33 -11.48
N GLY B 244 21.00 7.34 -12.34
CA GLY B 244 21.38 7.15 -13.74
C GLY B 244 20.52 6.12 -14.46
N LEU B 245 19.21 6.27 -14.34
CA LEU B 245 18.24 5.40 -14.98
C LEU B 245 17.20 6.20 -15.75
N LYS B 246 16.55 5.57 -16.71
CA LYS B 246 15.42 6.17 -17.40
C LYS B 246 14.16 5.95 -16.55
N PRO B 247 13.19 6.87 -16.61
CA PRO B 247 11.92 6.65 -15.90
C PRO B 247 11.04 5.62 -16.61
N GLY B 248 10.25 4.89 -15.83
CA GLY B 248 9.40 3.82 -16.35
C GLY B 248 7.91 4.10 -16.26
N THR B 249 7.28 3.58 -15.21
CA THR B 249 5.84 3.66 -15.05
C THR B 249 5.44 4.04 -13.63
N LEU B 250 4.47 4.95 -13.51
CA LEU B 250 3.87 5.27 -12.22
C LEU B 250 2.57 4.48 -12.02
N VAL B 251 2.54 3.65 -10.98
CA VAL B 251 1.35 2.90 -10.63
C VAL B 251 0.67 3.63 -9.48
N HIS B 252 -0.54 4.12 -9.72
CA HIS B 252 -1.29 4.85 -8.71
C HIS B 252 -2.41 4.02 -8.17
N THR B 253 -2.25 3.58 -6.92
CA THR B 253 -3.26 2.77 -6.24
C THR B 253 -3.95 3.57 -5.14
N LEU B 254 -5.28 3.50 -5.14
CA LEU B 254 -6.12 4.20 -4.18
C LEU B 254 -6.88 3.24 -3.28
N GLY B 255 -7.08 3.65 -2.03
CA GLY B 255 -8.03 2.98 -1.15
C GLY B 255 -9.40 3.58 -1.41
N ASP B 256 -9.76 4.57 -0.63
CA ASP B 256 -11.01 5.29 -0.85
C ASP B 256 -10.86 6.32 -1.98
N ALA B 257 -11.16 5.88 -3.20
CA ALA B 257 -11.25 6.77 -4.35
C ALA B 257 -12.66 7.33 -4.40
N HIS B 258 -12.76 8.66 -4.39
CA HIS B 258 -14.08 9.31 -4.25
C HIS B 258 -14.17 10.66 -4.91
N VAL B 259 -15.41 11.12 -5.10
CA VAL B 259 -15.70 12.48 -5.55
C VAL B 259 -16.72 13.10 -4.60
N TYR B 260 -16.64 14.41 -4.40
CA TYR B 260 -17.62 15.10 -3.57
C TYR B 260 -18.91 15.32 -4.36
N SER B 261 -20.03 15.33 -3.64
CA SER B 261 -21.35 15.46 -4.27
C SER B 261 -21.54 16.80 -4.97
N ASN B 262 -20.92 17.84 -4.43
CA ASN B 262 -20.99 19.18 -4.99
C ASN B 262 -20.18 19.34 -6.28
N HIS B 263 -19.19 18.47 -6.46
CA HIS B 263 -18.27 18.54 -7.60
C HIS B 263 -18.72 17.74 -8.79
N VAL B 264 -19.89 17.14 -8.71
CA VAL B 264 -20.35 16.22 -9.76
C VAL B 264 -20.59 16.94 -11.09
N ASP B 265 -21.16 18.14 -11.03
CA ASP B 265 -21.33 18.98 -12.22
C ASP B 265 -19.97 19.35 -12.80
N ALA B 266 -19.05 19.73 -11.92
CA ALA B 266 -17.70 20.13 -12.29
C ALA B 266 -16.90 18.98 -12.91
N LEU B 267 -17.07 17.77 -12.38
CA LEU B 267 -16.42 16.58 -12.90
C LEU B 267 -17.04 16.09 -14.21
N LYS B 268 -18.31 16.39 -14.42
CA LYS B 268 -18.99 16.06 -15.67
C LYS B 268 -18.50 16.92 -16.84
N ILE B 269 -18.09 18.16 -16.53
CA ILE B 269 -17.51 19.05 -17.54
C ILE B 269 -16.14 18.51 -17.95
N GLN B 270 -15.36 18.10 -16.96
CA GLN B 270 -14.03 17.53 -17.18
C GLN B 270 -14.05 16.24 -18.02
N LEU B 271 -15.11 15.44 -17.82
CA LEU B 271 -15.27 14.16 -18.50
C LEU B 271 -15.46 14.26 -20.02
N ASP B 272 -16.11 15.34 -20.46
CA ASP B 272 -16.37 15.56 -21.89
C ASP B 272 -15.19 16.11 -22.67
N ARG B 273 -14.08 16.38 -21.98
CA ARG B 273 -12.90 16.97 -22.60
C ARG B 273 -11.93 15.89 -23.09
N GLU B 274 -11.45 16.05 -24.32
CA GLU B 274 -10.41 15.20 -24.85
C GLU B 274 -9.05 15.71 -24.34
N PRO B 275 -8.29 14.84 -23.65
CA PRO B 275 -7.03 15.26 -23.03
C PRO B 275 -5.93 15.59 -24.04
N TYR B 276 -5.14 16.61 -23.73
CA TYR B 276 -3.92 16.94 -24.48
C TYR B 276 -2.79 16.07 -23.98
N ALA B 277 -1.68 16.06 -24.73
CA ALA B 277 -0.46 15.38 -24.31
C ALA B 277 0.04 15.90 -22.95
N PHE B 278 0.64 15.00 -22.17
CA PHE B 278 1.24 15.39 -20.90
C PHE B 278 2.48 16.25 -21.12
N PRO B 279 2.75 17.18 -20.19
CA PRO B 279 4.00 17.94 -20.23
C PRO B 279 5.21 17.05 -19.94
N LYS B 280 6.40 17.56 -20.27
CA LYS B 280 7.64 16.81 -20.08
C LYS B 280 8.53 17.49 -19.04
N ILE B 281 9.23 16.68 -18.25
CA ILE B 281 10.19 17.19 -17.27
C ILE B 281 11.59 17.25 -17.88
N ARG B 282 12.28 18.37 -17.64
CA ARG B 282 13.62 18.57 -18.13
C ARG B 282 14.48 19.13 -17.01
N PHE B 283 15.63 18.50 -16.75
CA PHE B 283 16.56 19.00 -15.74
C PHE B 283 17.69 19.79 -16.42
N THR B 284 17.84 21.05 -15.99
CA THR B 284 18.79 21.98 -16.62
C THR B 284 20.25 21.64 -16.31
N ARG B 285 20.53 21.21 -15.08
CA ARG B 285 21.88 20.86 -14.66
C ARG B 285 22.00 19.41 -14.16
N ASP B 286 23.11 19.10 -13.51
CA ASP B 286 23.32 17.80 -12.87
C ASP B 286 23.21 17.94 -11.36
N VAL B 287 23.13 16.81 -10.66
CA VAL B 287 22.98 16.80 -9.19
C VAL B 287 23.99 15.88 -8.50
N ALA B 288 24.37 16.25 -7.29
CA ALA B 288 25.25 15.43 -6.46
C ALA B 288 24.47 14.28 -5.83
N SER B 289 23.25 14.59 -5.38
CA SER B 289 22.37 13.62 -4.76
C SER B 289 20.92 14.05 -4.94
N ILE B 290 20.02 13.43 -4.17
CA ILE B 290 18.60 13.79 -4.18
C ILE B 290 18.36 15.08 -3.38
N ASP B 291 19.33 15.43 -2.54
CA ASP B 291 19.27 16.67 -1.75
C ASP B 291 19.82 17.88 -2.51
N ASP B 292 20.15 17.69 -3.78
CA ASP B 292 20.79 18.72 -4.60
C ASP B 292 19.86 19.37 -5.62
N PHE B 293 18.55 19.15 -5.46
CA PHE B 293 17.55 19.71 -6.37
C PHE B 293 17.08 21.08 -5.90
N THR B 294 16.90 22.00 -6.85
CA THR B 294 16.40 23.37 -6.55
C THR B 294 15.34 23.81 -7.56
N SER B 295 14.40 24.62 -7.10
CA SER B 295 13.23 25.05 -7.89
C SER B 295 13.54 25.42 -9.35
N ASP B 296 14.65 26.13 -9.54
CA ASP B 296 15.04 26.69 -10.83
C ASP B 296 15.53 25.64 -11.84
N MET B 297 15.84 24.44 -11.36
CA MET B 297 16.43 23.41 -12.20
C MET B 297 15.43 22.39 -12.76
N ILE B 298 14.21 22.40 -12.24
CA ILE B 298 13.16 21.49 -12.72
C ILE B 298 12.22 22.23 -13.69
N ALA B 299 12.50 22.09 -14.98
CA ALA B 299 11.71 22.74 -16.02
C ALA B 299 10.48 21.91 -16.39
N LEU B 300 9.39 22.61 -16.67
CA LEU B 300 8.18 21.97 -17.17
C LEU B 300 7.89 22.46 -18.58
N ASP B 301 7.97 21.53 -19.55
CA ASP B 301 7.78 21.88 -20.97
C ASP B 301 6.39 21.56 -21.48
N ASP B 302 5.84 22.48 -22.27
CA ASP B 302 4.60 22.27 -23.03
C ASP B 302 3.40 21.80 -22.20
N TYR B 303 3.12 22.50 -21.09
CA TYR B 303 1.97 22.17 -20.26
C TYR B 303 0.71 22.90 -20.74
N LYS B 304 0.03 22.30 -21.70
CA LYS B 304 -1.21 22.85 -22.24
C LYS B 304 -2.40 22.33 -21.42
N CYS B 305 -3.34 23.22 -21.13
CA CYS B 305 -4.52 22.88 -20.31
C CYS B 305 -5.83 23.34 -20.93
N HIS B 306 -6.91 22.68 -20.55
CA HIS B 306 -8.26 23.09 -20.91
C HIS B 306 -8.71 24.23 -20.03
N PRO B 307 -9.74 24.99 -20.46
CA PRO B 307 -10.26 26.11 -19.66
C PRO B 307 -10.62 25.69 -18.23
N LYS B 308 -10.47 26.60 -17.27
CA LYS B 308 -10.65 26.26 -15.86
C LYS B 308 -12.03 25.66 -15.55
N ILE B 309 -12.06 24.84 -14.50
CA ILE B 309 -13.32 24.27 -14.03
C ILE B 309 -13.74 25.03 -12.77
N PRO B 310 -14.89 25.74 -12.84
CA PRO B 310 -15.44 26.41 -11.66
C PRO B 310 -15.91 25.39 -10.62
N MET B 311 -15.45 25.56 -9.38
CA MET B 311 -15.73 24.60 -8.31
C MET B 311 -16.75 25.10 -7.28
N ASP B 312 -16.89 26.43 -7.18
CA ASP B 312 -17.82 27.09 -6.24
C ASP B 312 -19.13 26.34 -5.99
N1 UMP C . 6.15 -14.80 -0.62
C2 UMP C . 4.81 -14.38 -0.87
N3 UMP C . 4.00 -14.08 0.16
C4 UMP C . 4.41 -14.19 1.43
C5 UMP C . 5.72 -14.61 1.71
C6 UMP C . 6.57 -14.91 0.66
O2 UMP C . 4.35 -14.26 -2.03
O4 UMP C . 3.64 -13.91 2.38
C1' UMP C . 7.11 -15.15 -1.71
C2' UMP C . 6.92 -14.40 -3.01
C3' UMP C . 8.32 -14.03 -3.46
C4' UMP C . 9.20 -14.16 -2.23
O3' UMP C . 8.76 -14.97 -4.46
O4' UMP C . 8.46 -14.92 -1.27
C5' UMP C . 9.52 -12.79 -1.64
O5' UMP C . 10.79 -12.33 -2.11
P UMP C . 11.59 -11.23 -1.24
OP1 UMP C . 12.76 -10.85 -2.12
OP2 UMP C . 10.58 -10.13 -1.06
OP3 UMP C . 11.95 -11.94 0.04
N1 UMP D . -6.57 14.52 0.01
C2 UMP D . -6.01 13.81 -1.09
N3 UMP D . -4.68 13.69 -1.22
C4 UMP D . -3.84 14.24 -0.33
C5 UMP D . -4.35 14.95 0.76
C6 UMP D . -5.72 15.08 0.90
O2 UMP D . -6.75 13.27 -1.96
O4 UMP D . -2.60 14.12 -0.47
C1' UMP D . -8.02 14.71 0.22
C2' UMP D . -8.89 13.50 -0.12
C3' UMP D . -9.91 13.44 1.00
C4' UMP D . -9.25 14.15 2.17
O3' UMP D . -11.08 14.16 0.61
O4' UMP D . -8.29 15.03 1.60
C5' UMP D . -8.55 13.18 3.11
O5' UMP D . -9.02 13.37 4.44
P UMP D . -9.02 12.11 5.45
OP1 UMP D . -7.60 11.60 5.38
OP2 UMP D . -10.05 11.20 4.84
OP3 UMP D . -9.42 12.67 6.79
#